data_9JXU
#
_entry.id   9JXU
#
_cell.length_a   53.642
_cell.length_b   101.292
_cell.length_c   63.530
_cell.angle_alpha   90.00
_cell.angle_beta   107.33
_cell.angle_gamma   90.00
#
_symmetry.space_group_name_H-M   'P 1 21 1'
#
loop_
_entity.id
_entity.type
_entity.pdbx_description
1 polymer 'Cysteine synthase'
2 non-polymer 'TRIETHYLENE GLYCOL'
3 non-polymer 1,2-ETHANEDIOL
4 non-polymer DI(HYDROXYETHYL)ETHER
5 non-polymer 'SULFATE ION'
6 water water
#
_entity_poly.entity_id   1
_entity_poly.type   'polypeptide(L)'
_entity_poly.pdbx_seq_one_letter_code
;MHHHHHHTKITNSIVNLIGNTPIVKLNRVVPEDAADVYVKLEFFNPGGSIKDRIALAMIEEAEKAGKLQAGGTIVEPTSG
NTGVGLAMVAAAKGYHLVITMPETMSVERRKLMQGYGAELILTPGADGMKGAIAKAEELVKEKGYFMPMQFDNPANPAIH
EETTGKEILEAFGDDIPDAFVAGVGTGGTLTGVGHALKKANPNVQIYALEPAESPVLKEGKGGKHKIQGISAGFIPKVLD
TDVYNGILEIKSDDAITMAREVGHQEGILVGISAGANIKGAIEVAKKLGKGKQVITVAPDGGDRYLSTELFNY
;
_entity_poly.pdbx_strand_id   A,B
#
# COMPACT_ATOMS: atom_id res chain seq x y z
N HIS A 5 -7.09 8.57 -17.57
CA HIS A 5 -6.42 7.72 -18.59
C HIS A 5 -5.23 6.89 -18.02
N HIS A 6 -4.42 7.41 -17.07
CA HIS A 6 -3.20 6.73 -16.60
C HIS A 6 -3.37 6.09 -15.22
N HIS A 7 -2.86 4.86 -15.15
CA HIS A 7 -2.92 3.98 -13.97
C HIS A 7 -1.99 4.47 -12.86
N THR A 8 -0.74 4.86 -13.17
CA THR A 8 0.06 5.47 -12.12
C THR A 8 -0.33 6.95 -12.05
N LYS A 9 -0.68 7.38 -10.85
CA LYS A 9 -0.98 8.77 -10.52
C LYS A 9 0.33 9.51 -10.20
N ILE A 10 0.50 10.70 -10.83
CA ILE A 10 1.43 11.76 -10.44
C ILE A 10 0.68 12.80 -9.63
N THR A 11 1.17 13.05 -8.41
CA THR A 11 0.45 13.93 -7.51
C THR A 11 1.43 14.87 -6.81
N ASN A 12 0.97 16.13 -6.61
CA ASN A 12 1.65 17.28 -5.98
CA ASN A 12 1.80 17.17 -5.99
C ASN A 12 1.70 17.13 -4.45
N SER A 13 0.80 16.30 -3.90
CA SER A 13 0.73 16.14 -2.45
C SER A 13 0.23 14.76 -2.00
N ILE A 14 0.79 14.21 -0.92
CA ILE A 14 0.31 13.04 -0.18
C ILE A 14 -1.16 13.16 0.26
N VAL A 15 -1.66 14.41 0.54
CA VAL A 15 -3.01 14.66 1.03
C VAL A 15 -4.07 14.17 0.02
N ASN A 16 -3.78 14.35 -1.28
CA ASN A 16 -4.59 13.89 -2.38
C ASN A 16 -4.79 12.37 -2.39
N LEU A 17 -3.94 11.58 -1.72
CA LEU A 17 -4.08 10.13 -1.66
C LEU A 17 -4.92 9.69 -0.46
N ILE A 18 -5.15 10.58 0.52
CA ILE A 18 -5.84 10.17 1.75
C ILE A 18 -7.25 9.73 1.40
N GLY A 19 -7.67 8.57 1.89
CA GLY A 19 -8.97 7.95 1.63
C GLY A 19 -9.22 7.53 0.18
N ASN A 20 -8.17 7.61 -0.67
CA ASN A 20 -8.29 7.47 -2.10
C ASN A 20 -7.70 6.15 -2.59
N THR A 21 -7.56 5.16 -1.67
CA THR A 21 -7.26 3.78 -2.05
C THR A 21 -8.21 3.25 -3.14
N PRO A 22 -7.72 2.39 -4.09
CA PRO A 22 -8.52 1.98 -5.25
C PRO A 22 -9.65 1.00 -4.90
N ILE A 23 -10.70 1.07 -5.76
CA ILE A 23 -11.87 0.19 -5.73
C ILE A 23 -11.75 -0.83 -6.88
N VAL A 24 -11.59 -2.08 -6.49
CA VAL A 24 -11.17 -3.16 -7.39
C VAL A 24 -12.27 -4.23 -7.48
N LYS A 25 -12.66 -4.57 -8.73
CA LYS A 25 -13.59 -5.66 -8.99
C LYS A 25 -12.98 -7.00 -8.63
N LEU A 26 -13.75 -7.87 -7.98
CA LEU A 26 -13.40 -9.28 -7.81
C LEU A 26 -13.86 -10.03 -9.04
N ASN A 27 -12.96 -10.89 -9.60
CA ASN A 27 -13.14 -11.47 -10.92
C ASN A 27 -13.35 -12.99 -10.86
N ARG A 28 -13.13 -13.63 -9.69
CA ARG A 28 -13.04 -15.09 -9.58
C ARG A 28 -13.99 -15.65 -8.51
N VAL A 29 -14.20 -14.97 -7.37
CA VAL A 29 -14.82 -15.58 -6.17
C VAL A 29 -16.35 -15.38 -6.16
N VAL A 30 -16.88 -14.55 -7.07
CA VAL A 30 -18.26 -14.10 -7.05
C VAL A 30 -19.00 -14.92 -8.12
N PRO A 31 -20.16 -15.60 -7.84
CA PRO A 31 -21.01 -16.18 -8.89
C PRO A 31 -21.32 -15.17 -10.01
N GLU A 32 -21.26 -15.63 -11.26
CA GLU A 32 -21.60 -14.85 -12.46
C GLU A 32 -23.05 -14.32 -12.40
N ASP A 33 -23.98 -15.04 -11.73
CA ASP A 33 -25.39 -14.61 -11.74
C ASP A 33 -25.69 -13.59 -10.63
N ALA A 34 -24.66 -13.16 -9.90
CA ALA A 34 -24.75 -12.20 -8.81
C ALA A 34 -24.43 -10.79 -9.35
N ALA A 35 -24.77 -9.73 -8.57
CA ALA A 35 -24.15 -8.43 -8.78
C ALA A 35 -22.61 -8.55 -8.75
N ASP A 36 -21.92 -7.66 -9.42
CA ASP A 36 -20.50 -7.37 -9.22
C ASP A 36 -20.20 -6.89 -7.79
N VAL A 37 -19.08 -7.38 -7.27
CA VAL A 37 -18.51 -6.99 -5.99
C VAL A 37 -17.18 -6.30 -6.28
N TYR A 38 -17.07 -5.07 -5.80
CA TYR A 38 -15.85 -4.26 -5.78
C TYR A 38 -15.44 -4.03 -4.32
N VAL A 39 -14.13 -3.95 -4.07
CA VAL A 39 -13.58 -3.85 -2.72
C VAL A 39 -12.64 -2.64 -2.74
N LYS A 40 -12.87 -1.69 -1.81
CA LYS A 40 -11.98 -0.57 -1.57
C LYS A 40 -10.81 -1.11 -0.77
N LEU A 41 -9.61 -1.02 -1.35
CA LEU A 41 -8.45 -1.69 -0.74
C LEU A 41 -7.79 -0.70 0.24
N GLU A 42 -8.50 -0.40 1.34
CA GLU A 42 -8.11 0.60 2.34
C GLU A 42 -6.70 0.34 2.89
N PHE A 43 -6.31 -0.92 3.12
CA PHE A 43 -5.04 -1.37 3.66
C PHE A 43 -3.84 -1.07 2.78
N PHE A 44 -3.99 -0.66 1.49
CA PHE A 44 -2.91 -0.40 0.55
C PHE A 44 -2.40 1.05 0.53
N ASN A 45 -2.51 1.74 1.69
CA ASN A 45 -2.02 3.09 1.97
C ASN A 45 -2.30 3.31 3.46
N PRO A 46 -1.31 3.77 4.29
CA PRO A 46 -1.53 3.89 5.72
C PRO A 46 -2.60 4.91 6.10
N GLY A 47 -2.87 5.85 5.20
CA GLY A 47 -3.97 6.81 5.37
C GLY A 47 -5.11 6.56 4.37
N GLY A 48 -5.34 5.29 3.99
CA GLY A 48 -6.12 5.02 2.80
C GLY A 48 -7.63 4.79 3.02
N SER A 49 -8.11 4.85 4.27
CA SER A 49 -9.49 4.49 4.61
C SER A 49 -10.46 5.64 4.35
N ILE A 50 -11.77 5.27 4.23
CA ILE A 50 -12.89 6.20 4.28
C ILE A 50 -12.80 7.09 5.56
N LYS A 51 -12.60 6.48 6.72
CA LYS A 51 -12.41 7.14 7.98
C LYS A 51 -11.33 8.23 7.85
N ASP A 52 -10.23 7.91 7.17
CA ASP A 52 -9.16 8.88 6.94
C ASP A 52 -9.59 10.06 6.12
N ARG A 53 -10.42 9.89 5.10
CA ARG A 53 -10.92 11.03 4.34
C ARG A 53 -11.90 11.89 5.17
N ILE A 54 -12.70 11.23 6.02
CA ILE A 54 -13.60 11.86 6.96
C ILE A 54 -12.77 12.72 7.90
N ALA A 55 -11.63 12.20 8.38
CA ALA A 55 -10.80 12.92 9.32
C ALA A 55 -10.20 14.16 8.63
N LEU A 56 -9.72 14.01 7.37
CA LEU A 56 -9.22 15.13 6.56
C LEU A 56 -10.33 16.19 6.40
N ALA A 57 -11.59 15.75 6.12
CA ALA A 57 -12.75 16.63 5.93
C ALA A 57 -12.99 17.52 7.16
N MET A 58 -12.96 16.90 8.36
CA MET A 58 -13.09 17.55 9.65
C MET A 58 -12.00 18.59 9.88
N ILE A 59 -10.76 18.27 9.50
CA ILE A 59 -9.59 19.14 9.59
C ILE A 59 -9.77 20.36 8.70
N GLU A 60 -10.19 20.16 7.45
CA GLU A 60 -10.43 21.21 6.46
C GLU A 60 -11.57 22.14 6.90
N GLU A 61 -12.67 21.59 7.45
CA GLU A 61 -13.78 22.31 8.02
C GLU A 61 -13.33 23.16 9.22
N ALA A 62 -12.44 22.63 10.10
CA ALA A 62 -11.96 23.37 11.25
C ALA A 62 -11.10 24.55 10.81
N GLU A 63 -10.25 24.32 9.78
CA GLU A 63 -9.39 25.29 9.13
C GLU A 63 -10.21 26.48 8.64
N LYS A 64 -11.25 26.20 7.81
CA LYS A 64 -12.17 27.13 7.17
C LYS A 64 -12.95 27.89 8.26
N ALA A 65 -13.44 27.19 9.30
CA ALA A 65 -14.10 27.77 10.46
C ALA A 65 -13.14 28.55 11.38
N GLY A 66 -11.80 28.42 11.23
CA GLY A 66 -10.84 29.01 12.17
C GLY A 66 -10.69 28.32 13.53
N LYS A 67 -11.37 27.18 13.77
CA LYS A 67 -11.27 26.32 14.95
C LYS A 67 -9.89 25.65 15.05
N LEU A 68 -9.16 25.63 13.94
CA LEU A 68 -7.79 25.19 13.76
C LEU A 68 -7.10 26.22 12.87
N GLN A 69 -5.97 26.75 13.33
CA GLN A 69 -5.12 27.71 12.64
C GLN A 69 -3.79 27.03 12.38
N ALA A 70 -2.98 27.66 11.51
CA ALA A 70 -1.56 27.41 11.30
C ALA A 70 -0.82 27.37 12.65
N GLY A 71 0.08 26.38 12.77
CA GLY A 71 0.84 26.06 13.99
C GLY A 71 -0.06 25.55 15.12
N GLY A 72 -1.35 25.22 14.84
CA GLY A 72 -2.29 24.68 15.84
C GLY A 72 -2.03 23.18 16.15
N THR A 73 -2.71 22.67 17.17
CA THR A 73 -2.61 21.29 17.60
C THR A 73 -3.95 20.57 17.44
N ILE A 74 -3.88 19.36 16.82
CA ILE A 74 -4.92 18.35 16.79
C ILE A 74 -4.68 17.41 17.98
N VAL A 75 -5.73 17.11 18.72
CA VAL A 75 -5.71 16.13 19.80
C VAL A 75 -6.76 15.07 19.48
N GLU A 76 -6.44 13.80 19.72
CA GLU A 76 -7.36 12.71 19.47
C GLU A 76 -7.13 11.54 20.43
N PRO A 77 -8.19 11.00 21.09
CA PRO A 77 -8.11 9.70 21.75
C PRO A 77 -8.14 8.57 20.74
N THR A 78 -7.52 7.47 21.20
CA THR A 78 -7.30 6.25 20.42
C THR A 78 -7.20 5.05 21.34
N SER A 79 -7.72 3.89 20.88
CA SER A 79 -7.33 2.55 21.30
C SER A 79 -7.61 1.49 20.24
N GLY A 80 -7.23 0.21 20.52
CA GLY A 80 -7.13 -0.89 19.57
C GLY A 80 -6.30 -0.55 18.33
N ASN A 81 -6.83 -0.96 17.14
CA ASN A 81 -6.18 -0.81 15.84
C ASN A 81 -6.09 0.67 15.38
N THR A 82 -6.69 1.60 16.16
CA THR A 82 -6.92 3.00 15.80
C THR A 82 -5.79 3.92 16.27
N GLY A 83 -5.34 4.83 15.36
CA GLY A 83 -4.64 6.11 15.55
C GLY A 83 -3.62 6.48 14.44
N VAL A 84 -3.07 5.44 13.76
CA VAL A 84 -2.05 5.49 12.72
C VAL A 84 -2.51 6.38 11.54
N GLY A 85 -3.76 6.22 11.10
CA GLY A 85 -4.33 6.93 9.97
C GLY A 85 -4.35 8.45 10.19
N LEU A 86 -4.74 8.81 11.44
CA LEU A 86 -4.80 10.19 11.86
C LEU A 86 -3.41 10.85 11.88
N ALA A 87 -2.42 10.10 12.44
CA ALA A 87 -1.04 10.60 12.50
C ALA A 87 -0.48 10.95 11.13
N MET A 88 -0.72 10.03 10.15
CA MET A 88 -0.48 10.18 8.72
C MET A 88 -1.10 11.51 8.28
N VAL A 89 -2.41 11.65 8.52
CA VAL A 89 -3.21 12.76 8.02
C VAL A 89 -2.65 14.08 8.52
N ALA A 90 -2.36 14.13 9.85
CA ALA A 90 -1.91 15.35 10.52
C ALA A 90 -0.55 15.81 10.01
N ALA A 91 0.39 14.81 9.84
CA ALA A 91 1.75 15.12 9.39
C ALA A 91 1.74 15.58 7.94
N ALA A 92 0.87 14.88 7.13
CA ALA A 92 0.57 15.32 5.78
C ALA A 92 0.14 16.80 5.80
N LYS A 93 -0.78 17.16 6.75
CA LYS A 93 -1.38 18.50 6.84
C LYS A 93 -0.44 19.61 7.35
N GLY A 94 0.69 19.25 8.02
CA GLY A 94 1.64 20.18 8.67
C GLY A 94 1.30 20.67 10.10
N TYR A 95 0.39 20.00 10.86
CA TYR A 95 0.01 20.36 12.21
C TYR A 95 0.62 19.44 13.25
N HIS A 96 0.93 19.97 14.47
CA HIS A 96 1.20 19.19 15.68
CA HIS A 96 1.21 19.17 15.66
C HIS A 96 0.02 18.27 15.98
N LEU A 97 0.31 16.99 16.30
CA LEU A 97 -0.73 16.06 16.70
C LEU A 97 -0.43 15.47 18.09
N VAL A 98 -1.42 15.52 18.99
CA VAL A 98 -1.33 14.89 20.32
C VAL A 98 -2.31 13.73 20.30
N ILE A 99 -1.79 12.50 20.56
CA ILE A 99 -2.60 11.31 20.61
C ILE A 99 -2.60 10.83 22.06
N THR A 100 -3.82 10.63 22.62
CA THR A 100 -3.99 10.06 23.95
C THR A 100 -4.42 8.61 23.78
N MET A 101 -3.91 7.73 24.68
CA MET A 101 -4.16 6.27 24.57
C MET A 101 -3.87 5.56 25.87
N PRO A 102 -4.60 4.46 26.22
CA PRO A 102 -4.16 3.61 27.33
C PRO A 102 -2.72 3.11 27.15
N GLU A 103 -1.96 3.12 28.27
CA GLU A 103 -0.61 2.58 28.39
CA GLU A 103 -0.65 2.53 28.51
C GLU A 103 -0.50 1.09 28.00
N THR A 104 -1.64 0.39 27.75
CA THR A 104 -1.81 -0.96 27.24
C THR A 104 -1.82 -1.05 25.71
N MET A 105 -1.75 0.10 25.01
CA MET A 105 -1.54 0.24 23.57
C MET A 105 -0.26 -0.45 23.15
N SER A 106 -0.38 -1.25 22.06
CA SER A 106 0.74 -1.85 21.33
C SER A 106 1.86 -0.83 21.10
N VAL A 107 3.02 -1.16 21.63
CA VAL A 107 4.30 -0.50 21.35
C VAL A 107 4.53 -0.30 19.85
N GLU A 108 4.15 -1.32 19.01
CA GLU A 108 4.23 -1.33 17.56
C GLU A 108 3.48 -0.10 17.00
N ARG A 109 2.15 -0.03 17.28
CA ARG A 109 1.18 0.99 16.86
C ARG A 109 1.62 2.41 17.26
N ARG A 110 2.25 2.48 18.45
CA ARG A 110 2.75 3.69 19.09
C ARG A 110 3.92 4.28 18.32
N LYS A 111 4.88 3.40 17.96
CA LYS A 111 6.10 3.73 17.22
C LYS A 111 5.74 4.21 15.82
N LEU A 112 4.74 3.55 15.18
CA LEU A 112 4.10 3.98 13.95
C LEU A 112 3.60 5.41 14.03
N MET A 113 2.81 5.70 15.11
CA MET A 113 2.27 7.03 15.34
C MET A 113 3.41 8.05 15.52
N GLN A 114 4.41 7.71 16.32
CA GLN A 114 5.62 8.51 16.53
C GLN A 114 6.46 8.75 15.28
N GLY A 115 6.49 7.75 14.39
CA GLY A 115 7.11 7.81 13.08
C GLY A 115 6.59 8.95 12.20
N TYR A 116 5.31 9.33 12.39
CA TYR A 116 4.66 10.44 11.73
C TYR A 116 4.76 11.74 12.52
N GLY A 117 5.58 11.76 13.58
CA GLY A 117 5.84 12.92 14.43
C GLY A 117 4.76 13.18 15.48
N ALA A 118 3.86 12.21 15.75
CA ALA A 118 2.83 12.38 16.76
C ALA A 118 3.44 12.48 18.17
N GLU A 119 2.91 13.40 19.02
CA GLU A 119 3.23 13.35 20.45
C GLU A 119 2.20 12.45 21.14
N LEU A 120 2.71 11.43 21.82
CA LEU A 120 1.92 10.44 22.55
C LEU A 120 1.85 10.79 24.04
N ILE A 121 0.62 10.79 24.57
CA ILE A 121 0.31 10.92 26.01
C ILE A 121 -0.41 9.64 26.43
N LEU A 122 0.27 8.94 27.34
CA LEU A 122 -0.16 7.62 27.77
C LEU A 122 -1.00 7.84 28.99
N THR A 123 -2.22 7.37 28.85
CA THR A 123 -3.25 7.50 29.87
C THR A 123 -3.33 6.19 30.66
N PRO A 124 -3.85 6.14 31.92
CA PRO A 124 -3.85 4.91 32.72
C PRO A 124 -4.48 3.71 32.01
N GLY A 125 -3.76 2.57 31.95
CA GLY A 125 -4.26 1.35 31.34
C GLY A 125 -5.57 0.85 31.92
N ALA A 126 -5.78 1.06 33.24
CA ALA A 126 -7.00 0.63 33.90
C ALA A 126 -8.24 1.33 33.38
N ASP A 127 -8.11 2.58 32.87
CA ASP A 127 -9.25 3.41 32.45
C ASP A 127 -9.57 3.25 30.96
N GLY A 128 -8.74 2.47 30.22
CA GLY A 128 -8.92 2.15 28.81
C GLY A 128 -9.22 3.43 28.03
N MET A 129 -10.19 3.31 27.09
CA MET A 129 -10.53 4.35 26.14
C MET A 129 -11.15 5.58 26.84
N LYS A 130 -11.93 5.36 27.90
CA LYS A 130 -12.53 6.41 28.72
C LYS A 130 -11.45 7.38 29.29
N GLY A 131 -10.34 6.87 29.82
CA GLY A 131 -9.20 7.66 30.25
C GLY A 131 -8.57 8.52 29.13
N ALA A 132 -8.46 7.89 27.94
CA ALA A 132 -7.96 8.52 26.73
C ALA A 132 -8.92 9.63 26.26
N ILE A 133 -10.23 9.40 26.29
CA ILE A 133 -11.23 10.39 25.91
C ILE A 133 -11.16 11.58 26.87
N ALA A 134 -11.19 11.35 28.18
CA ALA A 134 -11.19 12.38 29.21
C ALA A 134 -9.95 13.28 29.08
N LYS A 135 -8.76 12.67 28.84
CA LYS A 135 -7.50 13.40 28.68
C LYS A 135 -7.54 14.30 27.44
N ALA A 136 -8.03 13.76 26.32
CA ALA A 136 -8.23 14.53 25.10
C ALA A 136 -9.14 15.76 25.32
N GLU A 137 -10.28 15.54 26.03
CA GLU A 137 -11.29 16.53 26.39
C GLU A 137 -10.74 17.58 27.35
N GLU A 138 -9.91 17.10 28.29
CA GLU A 138 -9.15 17.93 29.21
C GLU A 138 -8.19 18.82 28.42
N LEU A 139 -7.61 18.29 27.33
CA LEU A 139 -6.62 19.06 26.58
C LEU A 139 -7.28 20.16 25.73
N VAL A 140 -8.43 19.82 25.11
CA VAL A 140 -9.38 20.74 24.48
C VAL A 140 -9.70 21.86 25.48
N LYS A 141 -10.21 21.50 26.68
CA LYS A 141 -10.62 22.46 27.71
C LYS A 141 -9.43 23.33 28.14
N GLU A 142 -8.23 22.76 28.29
CA GLU A 142 -7.08 23.39 28.93
C GLU A 142 -6.27 24.26 27.94
N LYS A 143 -6.09 23.78 26.69
CA LYS A 143 -5.13 24.37 25.78
C LYS A 143 -5.76 24.79 24.45
N GLY A 144 -7.04 24.44 24.20
CA GLY A 144 -7.78 24.82 23.00
C GLY A 144 -7.34 24.05 21.76
N TYR A 145 -6.83 22.80 21.92
CA TYR A 145 -6.50 21.94 20.80
C TYR A 145 -7.79 21.51 20.12
N PHE A 146 -7.69 21.16 18.84
CA PHE A 146 -8.80 20.76 18.02
C PHE A 146 -8.96 19.24 18.05
N MET A 147 -10.14 18.76 18.52
CA MET A 147 -10.47 17.35 18.56
C MET A 147 -11.46 16.97 17.44
N PRO A 148 -11.05 16.19 16.39
CA PRO A 148 -11.93 15.68 15.34
C PRO A 148 -13.29 15.13 15.76
N MET A 149 -13.37 14.33 16.83
CA MET A 149 -14.58 13.59 17.25
C MET A 149 -14.91 12.45 16.28
N GLN A 150 -13.96 11.49 16.23
CA GLN A 150 -13.99 10.21 15.51
C GLN A 150 -14.11 8.99 16.43
N PHE A 151 -14.80 9.12 17.60
CA PHE A 151 -14.81 8.16 18.72
C PHE A 151 -16.22 7.98 19.34
N ASP A 152 -16.43 6.85 20.06
CA ASP A 152 -17.69 6.43 20.68
C ASP A 152 -18.10 7.35 21.85
N GLU A 161 -22.62 17.89 7.60
CA GLU A 161 -21.80 18.82 6.76
C GLU A 161 -21.89 18.36 5.31
N GLU A 162 -22.18 19.30 4.39
CA GLU A 162 -22.25 19.13 2.94
C GLU A 162 -20.88 18.70 2.38
N THR A 163 -19.79 19.38 2.80
CA THR A 163 -18.43 19.02 2.40
C THR A 163 -18.01 17.61 2.88
N THR A 164 -18.51 17.14 4.05
CA THR A 164 -18.30 15.77 4.55
C THR A 164 -18.79 14.73 3.51
N GLY A 165 -20.05 14.92 3.08
CA GLY A 165 -20.73 14.14 2.06
C GLY A 165 -19.90 13.99 0.79
N LYS A 166 -19.48 15.15 0.24
CA LYS A 166 -18.68 15.28 -0.99
C LYS A 166 -17.37 14.49 -0.84
N GLU A 167 -16.68 14.61 0.31
CA GLU A 167 -15.40 13.98 0.58
C GLU A 167 -15.57 12.46 0.68
N ILE A 168 -16.66 11.99 1.32
CA ILE A 168 -17.02 10.57 1.34
C ILE A 168 -17.24 10.08 -0.10
N LEU A 169 -17.98 10.85 -0.91
CA LEU A 169 -18.26 10.55 -2.32
C LEU A 169 -16.96 10.45 -3.13
N GLU A 170 -15.99 11.32 -2.83
CA GLU A 170 -14.66 11.26 -3.41
C GLU A 170 -13.95 9.92 -3.06
N ALA A 171 -14.08 9.41 -1.82
CA ALA A 171 -13.51 8.13 -1.38
C ALA A 171 -14.16 6.95 -2.12
N PHE A 172 -15.33 7.20 -2.74
CA PHE A 172 -16.03 6.22 -3.53
C PHE A 172 -15.68 6.38 -4.99
N GLY A 173 -14.85 7.36 -5.34
CA GLY A 173 -14.62 7.71 -6.73
C GLY A 173 -15.87 8.19 -7.47
N ASP A 174 -16.87 8.74 -6.74
CA ASP A 174 -18.22 9.07 -7.24
C ASP A 174 -18.95 7.83 -7.82
N ASP A 175 -18.52 6.64 -7.40
CA ASP A 175 -19.21 5.41 -7.73
C ASP A 175 -20.27 5.16 -6.65
N ILE A 176 -21.54 5.20 -7.04
CA ILE A 176 -22.65 5.02 -6.11
C ILE A 176 -23.19 3.61 -6.34
N PRO A 177 -22.97 2.64 -5.42
CA PRO A 177 -23.35 1.26 -5.67
C PRO A 177 -24.84 1.03 -5.39
N ASP A 178 -25.32 -0.19 -5.66
CA ASP A 178 -26.65 -0.58 -5.18
C ASP A 178 -26.64 -0.93 -3.69
N ALA A 179 -25.48 -1.33 -3.16
CA ALA A 179 -25.34 -1.78 -1.78
C ALA A 179 -23.92 -1.55 -1.35
N PHE A 180 -23.78 -1.21 -0.08
CA PHE A 180 -22.48 -1.07 0.53
C PHE A 180 -22.52 -1.91 1.80
N VAL A 181 -21.40 -2.59 2.07
CA VAL A 181 -21.26 -3.51 3.22
C VAL A 181 -19.96 -3.18 3.95
N ALA A 182 -20.08 -2.99 5.30
CA ALA A 182 -18.90 -2.75 6.13
C ALA A 182 -19.18 -3.17 7.57
N GLY A 183 -18.09 -3.40 8.31
CA GLY A 183 -18.06 -3.56 9.75
C GLY A 183 -18.61 -2.33 10.42
N VAL A 184 -19.40 -2.58 11.47
CA VAL A 184 -20.02 -1.59 12.35
C VAL A 184 -19.00 -0.54 12.80
N GLY A 185 -17.83 -1.00 13.30
CA GLY A 185 -16.87 -0.15 14.02
C GLY A 185 -17.51 0.35 15.32
N THR A 186 -17.16 1.60 15.70
CA THR A 186 -17.75 2.33 16.82
C THR A 186 -19.16 2.84 16.43
N GLY A 187 -19.32 3.18 15.13
CA GLY A 187 -20.51 3.80 14.56
C GLY A 187 -20.18 4.83 13.48
N GLY A 188 -19.17 5.70 13.79
CA GLY A 188 -18.78 6.91 13.07
C GLY A 188 -18.95 6.82 11.53
N THR A 189 -17.99 6.09 10.93
CA THR A 189 -17.77 5.94 9.50
C THR A 189 -19.02 5.40 8.79
N LEU A 190 -19.54 4.26 9.26
CA LEU A 190 -20.62 3.59 8.54
C LEU A 190 -21.88 4.45 8.45
N THR A 191 -22.18 5.15 9.55
CA THR A 191 -23.25 6.16 9.64
C THR A 191 -23.12 7.29 8.59
N GLY A 192 -21.94 7.86 8.51
CA GLY A 192 -21.59 8.94 7.61
C GLY A 192 -21.69 8.49 6.16
N VAL A 193 -21.12 7.30 5.91
CA VAL A 193 -21.16 6.68 4.60
C VAL A 193 -22.62 6.42 4.18
N GLY A 194 -23.39 5.79 5.07
CA GLY A 194 -24.80 5.51 4.80
C GLY A 194 -25.60 6.74 4.43
N HIS A 195 -25.38 7.87 5.14
CA HIS A 195 -26.07 9.13 4.87
C HIS A 195 -25.69 9.69 3.51
N ALA A 196 -24.37 9.69 3.23
CA ALA A 196 -23.90 10.30 1.98
C ALA A 196 -24.36 9.49 0.78
N LEU A 197 -24.33 8.15 0.89
CA LEU A 197 -24.72 7.26 -0.20
C LEU A 197 -26.25 7.34 -0.45
N LYS A 198 -27.07 7.40 0.60
CA LYS A 198 -28.53 7.47 0.50
C LYS A 198 -28.96 8.83 -0.03
N LYS A 199 -28.28 9.93 0.37
CA LYS A 199 -28.44 11.25 -0.22
C LYS A 199 -28.15 11.15 -1.70
N ALA A 200 -27.06 10.47 -2.12
CA ALA A 200 -26.68 10.29 -3.51
C ALA A 200 -27.64 9.34 -4.28
N ASN A 201 -28.02 8.18 -3.71
CA ASN A 201 -28.93 7.20 -4.34
C ASN A 201 -29.86 6.75 -3.23
N PRO A 202 -31.15 7.23 -3.18
CA PRO A 202 -32.14 6.75 -2.22
C PRO A 202 -32.47 5.27 -2.24
N ASN A 203 -32.12 4.57 -3.34
CA ASN A 203 -32.25 3.13 -3.45
C ASN A 203 -31.19 2.30 -2.72
N VAL A 204 -30.09 2.93 -2.24
CA VAL A 204 -28.88 2.22 -1.79
C VAL A 204 -29.29 1.40 -0.56
N GLN A 205 -28.85 0.14 -0.49
CA GLN A 205 -29.02 -0.64 0.73
C GLN A 205 -27.68 -0.78 1.45
N ILE A 206 -27.67 -0.45 2.73
CA ILE A 206 -26.47 -0.50 3.58
C ILE A 206 -26.54 -1.70 4.54
N TYR A 207 -25.43 -2.45 4.63
CA TYR A 207 -25.33 -3.62 5.49
C TYR A 207 -24.15 -3.48 6.42
N ALA A 208 -24.45 -3.70 7.69
CA ALA A 208 -23.51 -3.60 8.78
C ALA A 208 -23.16 -5.02 9.15
N LEU A 209 -21.86 -5.28 9.11
CA LEU A 209 -21.30 -6.58 9.50
C LEU A 209 -20.94 -6.54 10.98
N GLU A 210 -21.33 -7.60 11.68
CA GLU A 210 -20.85 -7.95 13.01
C GLU A 210 -20.12 -9.31 13.07
N PRO A 211 -19.12 -9.46 14.00
CA PRO A 211 -18.67 -10.78 14.42
C PRO A 211 -19.81 -11.53 15.12
N ALA A 212 -20.10 -12.72 14.57
CA ALA A 212 -21.01 -13.76 15.07
C ALA A 212 -20.70 -14.11 16.54
N GLU A 213 -21.79 -14.02 17.34
CA GLU A 213 -21.84 -13.86 18.79
C GLU A 213 -22.69 -15.01 19.39
N THR A 241 -29.63 2.71 14.58
CA THR A 241 -29.97 3.97 13.87
C THR A 241 -30.81 3.67 12.60
N ASP A 242 -31.32 4.73 11.91
CA ASP A 242 -32.12 4.71 10.68
C ASP A 242 -31.31 4.35 9.42
N VAL A 243 -30.03 4.01 9.59
CA VAL A 243 -29.02 4.03 8.53
C VAL A 243 -28.78 2.64 7.93
N TYR A 244 -28.90 1.57 8.72
CA TYR A 244 -28.56 0.25 8.24
C TYR A 244 -29.85 -0.43 7.83
N ASN A 245 -29.88 -1.00 6.61
CA ASN A 245 -31.01 -1.76 6.11
C ASN A 245 -31.00 -3.14 6.72
N GLY A 246 -29.81 -3.76 6.84
CA GLY A 246 -29.64 -5.10 7.37
C GLY A 246 -28.39 -5.13 8.26
N ILE A 247 -28.43 -6.04 9.22
CA ILE A 247 -27.31 -6.50 10.02
C ILE A 247 -26.94 -7.90 9.51
N LEU A 248 -25.66 -8.07 9.16
CA LEU A 248 -25.11 -9.37 8.80
C LEU A 248 -24.09 -9.86 9.85
N GLU A 249 -24.14 -11.17 10.09
CA GLU A 249 -23.21 -11.86 10.97
C GLU A 249 -22.48 -12.88 10.11
N ILE A 250 -21.15 -12.90 10.26
CA ILE A 250 -20.26 -13.74 9.50
C ILE A 250 -19.35 -14.38 10.53
N LYS A 251 -19.41 -15.72 10.60
CA LYS A 251 -18.53 -16.52 11.46
C LYS A 251 -17.06 -16.35 11.02
N SER A 252 -16.17 -16.42 12.00
CA SER A 252 -14.72 -16.28 11.88
C SER A 252 -14.12 -17.24 10.86
N ASP A 253 -14.59 -18.49 10.86
CA ASP A 253 -14.16 -19.57 9.98
C ASP A 253 -14.45 -19.22 8.51
N ASP A 254 -15.65 -18.64 8.28
CA ASP A 254 -16.16 -18.13 7.02
C ASP A 254 -15.26 -16.99 6.54
N ALA A 255 -14.98 -16.04 7.45
CA ALA A 255 -14.16 -14.86 7.20
C ALA A 255 -12.75 -15.24 6.70
N ILE A 256 -12.09 -16.17 7.44
CA ILE A 256 -10.78 -16.72 7.14
C ILE A 256 -10.84 -17.42 5.78
N THR A 257 -11.91 -18.17 5.52
CA THR A 257 -11.97 -18.96 4.29
C THR A 257 -12.05 -18.00 3.12
N MET A 258 -12.97 -16.99 3.23
CA MET A 258 -13.13 -15.94 2.24
C MET A 258 -11.79 -15.25 1.92
N ALA A 259 -11.06 -14.88 2.99
CA ALA A 259 -9.79 -14.13 2.87
C ALA A 259 -8.74 -14.96 2.11
N ARG A 260 -8.71 -16.29 2.38
CA ARG A 260 -7.80 -17.22 1.70
C ARG A 260 -8.10 -17.37 0.22
N GLU A 261 -9.39 -17.43 -0.11
CA GLU A 261 -9.89 -17.52 -1.47
C GLU A 261 -9.55 -16.24 -2.19
N VAL A 262 -9.68 -15.06 -1.53
CA VAL A 262 -9.32 -13.80 -2.17
C VAL A 262 -7.82 -13.78 -2.47
N GLY A 263 -7.00 -14.19 -1.51
CA GLY A 263 -5.56 -14.29 -1.68
C GLY A 263 -5.21 -15.16 -2.89
N HIS A 264 -5.77 -16.40 -2.94
CA HIS A 264 -5.43 -17.46 -3.90
C HIS A 264 -5.92 -17.10 -5.28
N GLN A 265 -7.22 -16.69 -5.34
CA GLN A 265 -7.96 -16.55 -6.57
C GLN A 265 -7.86 -15.16 -7.15
N GLU A 266 -7.71 -14.15 -6.29
CA GLU A 266 -7.80 -12.79 -6.75
C GLU A 266 -6.41 -12.17 -6.77
N GLY A 267 -5.50 -12.64 -5.88
CA GLY A 267 -4.19 -12.06 -5.73
C GLY A 267 -4.19 -10.77 -4.93
N ILE A 268 -5.13 -10.69 -4.01
CA ILE A 268 -5.32 -9.58 -3.11
C ILE A 268 -5.27 -10.18 -1.71
N LEU A 269 -4.19 -9.87 -1.02
CA LEU A 269 -3.95 -10.48 0.28
C LEU A 269 -4.70 -9.67 1.35
N VAL A 270 -5.96 -10.02 1.60
CA VAL A 270 -6.82 -9.31 2.54
C VAL A 270 -6.75 -9.98 3.92
N GLY A 271 -7.06 -9.19 4.97
CA GLY A 271 -7.22 -9.70 6.32
C GLY A 271 -8.57 -10.36 6.61
N ILE A 272 -8.76 -10.78 7.87
CA ILE A 272 -9.94 -11.51 8.34
C ILE A 272 -11.21 -10.62 8.25
N SER A 273 -11.11 -9.38 8.68
CA SER A 273 -12.22 -8.47 8.70
C SER A 273 -12.66 -8.13 7.26
N ALA A 274 -11.70 -7.90 6.33
CA ALA A 274 -11.93 -7.83 4.90
C ALA A 274 -12.66 -9.08 4.38
N GLY A 275 -12.24 -10.27 4.82
CA GLY A 275 -12.78 -11.57 4.40
C GLY A 275 -14.26 -11.65 4.78
N ALA A 276 -14.54 -11.26 6.02
CA ALA A 276 -15.88 -11.15 6.57
C ALA A 276 -16.73 -10.23 5.71
N ASN A 277 -16.20 -9.06 5.32
CA ASN A 277 -16.91 -8.08 4.51
C ASN A 277 -17.20 -8.65 3.11
N ILE A 278 -16.21 -9.33 2.51
CA ILE A 278 -16.32 -9.82 1.13
C ILE A 278 -17.38 -10.92 1.07
N LYS A 279 -17.40 -11.81 2.09
CA LYS A 279 -18.39 -12.87 2.29
C LYS A 279 -19.79 -12.25 2.36
N GLY A 280 -19.98 -11.25 3.24
CA GLY A 280 -21.25 -10.51 3.29
C GLY A 280 -21.64 -9.87 1.97
N ALA A 281 -20.66 -9.24 1.29
CA ALA A 281 -20.90 -8.58 0.01
C ALA A 281 -21.41 -9.56 -1.05
N ILE A 282 -20.84 -10.75 -1.10
CA ILE A 282 -21.23 -11.79 -2.06
C ILE A 282 -22.65 -12.27 -1.76
N GLU A 283 -23.00 -12.47 -0.49
CA GLU A 283 -24.33 -12.87 -0.04
C GLU A 283 -25.34 -11.86 -0.53
N VAL A 284 -25.03 -10.55 -0.34
CA VAL A 284 -25.90 -9.47 -0.81
C VAL A 284 -25.96 -9.50 -2.34
N ALA A 285 -24.79 -9.69 -2.97
CA ALA A 285 -24.66 -9.73 -4.43
C ALA A 285 -25.51 -10.81 -5.08
N LYS A 286 -25.59 -11.97 -4.44
CA LYS A 286 -26.39 -13.11 -4.89
C LYS A 286 -27.87 -12.77 -4.94
N LYS A 287 -28.34 -11.83 -4.07
CA LYS A 287 -29.74 -11.47 -3.91
C LYS A 287 -30.02 -10.31 -4.84
N LEU A 288 -29.09 -9.35 -4.97
CA LEU A 288 -29.20 -8.28 -5.94
C LEU A 288 -29.33 -8.73 -7.40
N GLY A 289 -28.52 -9.72 -7.84
CA GLY A 289 -28.45 -10.21 -9.20
C GLY A 289 -27.61 -9.40 -10.18
N LYS A 290 -27.39 -10.00 -11.38
CA LYS A 290 -26.59 -9.55 -12.52
C LYS A 290 -26.93 -8.10 -12.85
N GLY A 291 -25.89 -7.33 -13.13
CA GLY A 291 -25.99 -5.95 -13.61
C GLY A 291 -25.99 -4.91 -12.49
N LYS A 292 -26.07 -5.31 -11.21
CA LYS A 292 -26.01 -4.42 -10.05
C LYS A 292 -24.59 -4.40 -9.44
N GLN A 293 -24.36 -3.49 -8.45
CA GLN A 293 -23.07 -3.28 -7.81
C GLN A 293 -23.14 -3.30 -6.28
N VAL A 294 -22.26 -4.13 -5.74
CA VAL A 294 -21.94 -4.13 -4.30
C VAL A 294 -20.54 -3.54 -4.15
N ILE A 295 -20.37 -2.49 -3.27
CA ILE A 295 -19.05 -2.05 -2.83
C ILE A 295 -18.87 -2.49 -1.39
N THR A 296 -17.70 -3.08 -1.10
CA THR A 296 -17.26 -3.31 0.28
C THR A 296 -15.84 -2.75 0.44
N VAL A 297 -15.23 -3.00 1.59
CA VAL A 297 -13.95 -2.42 2.03
C VAL A 297 -13.07 -3.55 2.58
N ALA A 298 -11.78 -3.49 2.26
CA ALA A 298 -10.78 -4.29 2.94
C ALA A 298 -10.02 -3.43 3.96
N PRO A 299 -10.41 -3.34 5.26
CA PRO A 299 -9.69 -2.52 6.22
C PRO A 299 -8.28 -3.01 6.52
N ASP A 300 -8.02 -4.33 6.36
CA ASP A 300 -6.86 -5.08 6.84
C ASP A 300 -6.28 -5.92 5.69
N GLY A 301 -4.94 -5.98 5.64
CA GLY A 301 -4.14 -6.97 4.92
C GLY A 301 -3.93 -8.26 5.72
N GLY A 302 -3.50 -9.31 4.97
CA GLY A 302 -3.10 -10.64 5.42
C GLY A 302 -1.90 -10.61 6.37
N ASP A 303 -0.95 -9.70 6.07
CA ASP A 303 0.24 -9.28 6.82
C ASP A 303 0.04 -9.39 8.34
N ARG A 304 -1.02 -8.71 8.82
CA ARG A 304 -1.41 -8.53 10.22
C ARG A 304 -1.78 -9.86 10.94
N TYR A 305 -1.89 -11.01 10.22
CA TYR A 305 -2.48 -12.26 10.72
C TYR A 305 -1.58 -13.50 10.51
N LEU A 306 -0.25 -13.31 10.39
CA LEU A 306 0.77 -14.35 10.20
C LEU A 306 0.80 -15.41 11.32
N SER A 307 0.36 -15.05 12.55
CA SER A 307 0.15 -15.91 13.72
C SER A 307 -1.10 -16.83 13.64
N THR A 308 -2.11 -16.48 12.81
CA THR A 308 -3.51 -16.97 12.89
C THR A 308 -3.73 -18.21 12.00
N GLU A 309 -4.95 -18.81 12.10
CA GLU A 309 -5.49 -19.86 11.22
C GLU A 309 -5.50 -19.50 9.70
N LEU A 310 -5.40 -18.20 9.33
CA LEU A 310 -5.29 -17.66 7.98
C LEU A 310 -4.09 -18.26 7.22
N PHE A 311 -2.94 -18.30 7.92
CA PHE A 311 -1.67 -18.89 7.49
C PHE A 311 -1.51 -20.29 8.11
N ASN A 312 -2.15 -21.28 7.45
CA ASN A 312 -2.02 -22.72 7.66
C ASN A 312 -0.81 -23.19 6.84
N TYR A 313 -1.06 -24.05 5.82
CA TYR A 313 -0.23 -24.42 4.66
C TYR A 313 0.45 -25.81 4.80
N HIS B 6 -11.28 11.92 -11.35
CA HIS B 6 -11.56 11.49 -9.94
C HIS B 6 -10.30 10.87 -9.34
N HIS B 7 -10.08 11.25 -8.06
CA HIS B 7 -9.00 10.80 -7.21
C HIS B 7 -9.07 9.30 -6.85
N THR B 8 -10.24 8.77 -6.42
CA THR B 8 -10.29 7.33 -6.22
C THR B 8 -10.51 6.66 -7.58
N LYS B 9 -9.65 5.69 -7.86
CA LYS B 9 -9.70 4.87 -9.06
C LYS B 9 -10.63 3.68 -8.81
N ILE B 10 -11.55 3.45 -9.76
CA ILE B 10 -12.31 2.23 -9.95
C ILE B 10 -11.61 1.45 -11.06
N THR B 11 -11.24 0.22 -10.77
CA THR B 11 -10.63 -0.62 -11.79
C THR B 11 -11.28 -2.00 -11.76
N ASN B 12 -11.35 -2.59 -12.95
CA ASN B 12 -11.96 -3.89 -13.21
C ASN B 12 -11.01 -5.03 -12.86
N SER B 13 -9.70 -4.69 -12.73
CA SER B 13 -8.79 -5.75 -12.34
C SER B 13 -7.64 -5.27 -11.45
N ILE B 14 -7.22 -6.11 -10.49
CA ILE B 14 -6.01 -5.93 -9.70
C ILE B 14 -4.73 -5.78 -10.55
N VAL B 15 -4.71 -6.37 -11.75
CA VAL B 15 -3.54 -6.43 -12.64
C VAL B 15 -3.13 -5.02 -13.08
N ASN B 16 -4.13 -4.14 -13.26
CA ASN B 16 -3.98 -2.72 -13.54
C ASN B 16 -3.26 -1.94 -12.43
N LEU B 17 -3.11 -2.50 -11.23
CA LEU B 17 -2.49 -1.87 -10.10
C LEU B 17 -1.03 -2.30 -10.04
N ILE B 18 -0.65 -3.39 -10.71
CA ILE B 18 0.69 -3.96 -10.52
C ILE B 18 1.70 -2.92 -10.99
N GLY B 19 2.71 -2.63 -10.16
CA GLY B 19 3.72 -1.60 -10.43
C GLY B 19 3.20 -0.15 -10.58
N ASN B 20 1.96 0.10 -10.18
CA ASN B 20 1.29 1.37 -10.47
C ASN B 20 1.07 2.17 -9.19
N THR B 21 1.92 1.97 -8.21
CA THR B 21 1.93 2.78 -7.00
C THR B 21 2.16 4.25 -7.34
N PRO B 22 1.58 5.21 -6.54
CA PRO B 22 1.62 6.64 -6.90
C PRO B 22 3.01 7.26 -6.80
N ILE B 23 3.22 8.29 -7.62
CA ILE B 23 4.41 9.13 -7.66
C ILE B 23 4.09 10.49 -7.02
N VAL B 24 4.73 10.77 -5.88
CA VAL B 24 4.30 11.85 -4.99
C VAL B 24 5.43 12.86 -4.81
N LYS B 25 5.08 14.16 -4.97
CA LYS B 25 6.01 15.25 -4.73
C LYS B 25 6.34 15.35 -3.24
N LEU B 26 7.62 15.58 -2.91
CA LEU B 26 7.99 15.98 -1.56
C LEU B 26 7.94 17.49 -1.44
N ASN B 27 7.34 18.01 -0.35
CA ASN B 27 6.95 19.41 -0.29
C ASN B 27 7.64 20.20 0.81
N ARG B 28 8.37 19.50 1.72
CA ARG B 28 8.90 20.09 2.92
C ARG B 28 10.42 19.88 3.04
N VAL B 29 10.97 18.70 2.68
CA VAL B 29 12.37 18.31 2.89
C VAL B 29 13.26 18.72 1.70
N VAL B 30 12.70 19.20 0.57
CA VAL B 30 13.52 19.56 -0.57
C VAL B 30 13.98 21.04 -0.48
N PRO B 31 15.32 21.37 -0.61
CA PRO B 31 15.78 22.76 -0.73
C PRO B 31 15.07 23.54 -1.84
N GLU B 32 14.84 24.85 -1.56
CA GLU B 32 14.04 25.78 -2.37
C GLU B 32 14.62 25.93 -3.77
N ASP B 33 15.93 25.78 -3.91
CA ASP B 33 16.68 26.01 -5.15
C ASP B 33 16.91 24.71 -5.94
N ALA B 34 16.43 23.56 -5.45
CA ALA B 34 16.63 22.27 -6.09
C ALA B 34 15.56 21.95 -7.14
N ALA B 35 15.87 20.98 -8.02
CA ALA B 35 14.83 20.26 -8.74
C ALA B 35 13.77 19.72 -7.73
N ASP B 36 12.52 19.61 -8.21
CA ASP B 36 11.49 18.81 -7.53
C ASP B 36 11.90 17.33 -7.42
N VAL B 37 11.57 16.76 -6.25
CA VAL B 37 11.81 15.35 -5.92
C VAL B 37 10.43 14.75 -5.77
N TYR B 38 10.17 13.72 -6.58
CA TYR B 38 8.98 12.88 -6.48
C TYR B 38 9.44 11.46 -6.16
N VAL B 39 8.64 10.73 -5.36
CA VAL B 39 8.96 9.39 -4.90
C VAL B 39 7.81 8.48 -5.32
N LYS B 40 8.16 7.39 -6.02
CA LYS B 40 7.24 6.31 -6.31
C LYS B 40 7.09 5.52 -5.02
N LEU B 41 5.86 5.48 -4.51
CA LEU B 41 5.65 4.87 -3.20
C LEU B 41 5.38 3.38 -3.33
N GLU B 42 6.41 2.63 -3.74
CA GLU B 42 6.34 1.20 -4.09
C GLU B 42 5.89 0.34 -2.89
N PHE B 43 6.23 0.70 -1.65
CA PHE B 43 5.85 -0.04 -0.45
C PHE B 43 4.36 -0.01 -0.13
N PHE B 44 3.56 0.85 -0.81
CA PHE B 44 2.13 0.94 -0.59
C PHE B 44 1.44 -0.43 -0.80
N ASN B 45 1.79 -1.09 -1.90
CA ASN B 45 1.02 -2.14 -2.55
C ASN B 45 2.01 -3.30 -2.69
N PRO B 46 1.64 -4.55 -2.28
CA PRO B 46 2.60 -5.65 -2.30
C PRO B 46 3.09 -6.02 -3.71
N GLY B 47 2.29 -5.71 -4.74
CA GLY B 47 2.83 -5.86 -6.11
C GLY B 47 3.10 -4.51 -6.80
N GLY B 48 3.58 -3.52 -6.03
CA GLY B 48 3.53 -2.14 -6.47
C GLY B 48 4.83 -1.57 -7.05
N SER B 49 5.86 -2.41 -7.28
CA SER B 49 7.18 -1.94 -7.69
C SER B 49 7.25 -1.86 -9.21
N ILE B 50 8.23 -1.09 -9.73
CA ILE B 50 8.61 -1.14 -11.16
C ILE B 50 8.97 -2.56 -11.59
N LYS B 51 9.82 -3.23 -10.79
CA LYS B 51 10.22 -4.61 -10.99
C LYS B 51 8.97 -5.47 -11.17
N ASP B 52 7.89 -5.22 -10.37
CA ASP B 52 6.67 -6.04 -10.50
C ASP B 52 6.02 -5.97 -11.86
N ARG B 53 5.96 -4.77 -12.42
CA ARG B 53 5.38 -4.55 -13.76
C ARG B 53 6.31 -5.11 -14.85
N ILE B 54 7.63 -5.06 -14.64
CA ILE B 54 8.61 -5.74 -15.48
C ILE B 54 8.31 -7.25 -15.46
N ALA B 55 7.96 -7.79 -14.28
CA ALA B 55 7.65 -9.20 -14.18
C ALA B 55 6.35 -9.53 -14.92
N LEU B 56 5.35 -8.66 -14.82
CA LEU B 56 4.08 -8.78 -15.55
C LEU B 56 4.33 -8.76 -17.08
N ALA B 57 5.15 -7.80 -17.57
CA ALA B 57 5.59 -7.70 -18.96
C ALA B 57 6.14 -9.04 -19.47
N MET B 58 7.10 -9.65 -18.76
CA MET B 58 7.77 -10.92 -19.07
C MET B 58 6.77 -12.07 -19.22
N ILE B 59 5.78 -12.11 -18.32
CA ILE B 59 4.64 -13.03 -18.33
C ILE B 59 3.77 -12.84 -19.58
N GLU B 60 3.49 -11.58 -19.96
CA GLU B 60 2.70 -11.26 -21.13
C GLU B 60 3.41 -11.63 -22.44
N GLU B 61 4.72 -11.38 -22.49
CA GLU B 61 5.60 -11.68 -23.60
C GLU B 61 5.77 -13.21 -23.75
N ALA B 62 5.74 -13.99 -22.66
CA ALA B 62 5.73 -15.44 -22.71
C ALA B 62 4.43 -15.98 -23.32
N GLU B 63 3.28 -15.40 -22.98
CA GLU B 63 1.96 -15.66 -23.58
C GLU B 63 2.02 -15.47 -25.10
N LYS B 64 2.49 -14.28 -25.53
CA LYS B 64 2.67 -13.80 -26.90
C LYS B 64 3.61 -14.73 -27.68
N ALA B 65 4.73 -15.14 -27.06
CA ALA B 65 5.71 -16.08 -27.63
C ALA B 65 5.34 -17.58 -27.47
N GLY B 66 4.07 -17.90 -27.10
CA GLY B 66 3.57 -19.27 -26.89
C GLY B 66 4.14 -20.07 -25.71
N LYS B 67 5.24 -19.58 -25.11
CA LYS B 67 6.04 -20.17 -24.04
C LYS B 67 5.28 -20.42 -22.71
N LEU B 68 4.05 -19.86 -22.49
CA LEU B 68 3.18 -20.09 -21.34
C LEU B 68 1.71 -19.92 -21.77
N GLN B 69 0.90 -20.97 -21.53
CA GLN B 69 -0.53 -21.01 -21.87
C GLN B 69 -1.33 -21.08 -20.57
N ALA B 70 -2.65 -20.86 -20.72
CA ALA B 70 -3.63 -20.81 -19.65
C ALA B 70 -3.60 -22.11 -18.85
N GLY B 71 -3.70 -21.97 -17.50
CA GLY B 71 -3.58 -23.04 -16.51
C GLY B 71 -2.19 -23.70 -16.50
N GLY B 72 -1.16 -23.03 -17.06
CA GLY B 72 0.25 -23.39 -16.92
C GLY B 72 0.82 -23.03 -15.54
N THR B 73 2.09 -23.40 -15.32
CA THR B 73 2.80 -23.24 -14.07
C THR B 73 4.06 -22.43 -14.34
N ILE B 74 4.25 -21.38 -13.52
CA ILE B 74 5.45 -20.58 -13.40
C ILE B 74 6.31 -21.24 -12.30
N VAL B 75 7.61 -21.40 -12.58
CA VAL B 75 8.56 -21.84 -11.57
C VAL B 75 9.65 -20.80 -11.47
N GLU B 76 10.01 -20.44 -10.23
CA GLU B 76 10.96 -19.36 -10.02
C GLU B 76 11.83 -19.57 -8.77
N PRO B 77 13.19 -19.57 -8.94
CA PRO B 77 14.10 -19.57 -7.80
C PRO B 77 14.24 -18.16 -7.25
N THR B 78 13.47 -17.87 -6.21
CA THR B 78 13.35 -16.48 -5.79
C THR B 78 13.36 -16.43 -4.27
N SER B 79 13.22 -15.21 -3.72
CA SER B 79 12.96 -14.85 -2.32
C SER B 79 12.60 -13.36 -2.21
N GLY B 80 12.48 -12.86 -0.95
CA GLY B 80 12.17 -11.48 -0.57
C GLY B 80 10.88 -10.94 -1.20
N ASN B 81 10.83 -9.60 -1.28
CA ASN B 81 9.74 -8.82 -1.87
C ASN B 81 9.64 -9.01 -3.40
N THR B 82 10.67 -9.63 -4.02
CA THR B 82 10.73 -10.11 -5.40
C THR B 82 9.68 -11.19 -5.63
N GLY B 83 9.71 -12.27 -4.78
CA GLY B 83 8.86 -13.47 -4.77
C GLY B 83 7.40 -13.22 -4.39
N VAL B 84 7.22 -12.33 -3.39
CA VAL B 84 5.93 -11.74 -2.97
C VAL B 84 5.26 -11.04 -4.17
N GLY B 85 6.04 -10.24 -4.91
CA GLY B 85 5.58 -9.47 -6.06
C GLY B 85 5.07 -10.41 -7.14
N LEU B 86 5.89 -11.46 -7.41
CA LEU B 86 5.62 -12.44 -8.42
C LEU B 86 4.42 -13.30 -8.04
N ALA B 87 4.34 -13.74 -6.75
CA ALA B 87 3.17 -14.48 -6.24
C ALA B 87 1.87 -13.71 -6.45
N MET B 88 1.88 -12.40 -6.05
CA MET B 88 0.82 -11.40 -6.33
C MET B 88 0.51 -11.45 -7.83
N VAL B 89 1.56 -11.25 -8.67
CA VAL B 89 1.40 -11.13 -10.11
C VAL B 89 0.77 -12.42 -10.68
N ALA B 90 1.34 -13.58 -10.25
CA ALA B 90 0.93 -14.91 -10.73
C ALA B 90 -0.54 -15.16 -10.43
N ALA B 91 -0.98 -14.95 -9.16
CA ALA B 91 -2.37 -15.20 -8.74
C ALA B 91 -3.31 -14.21 -9.43
N ALA B 92 -2.86 -12.94 -9.55
CA ALA B 92 -3.62 -11.93 -10.28
C ALA B 92 -3.89 -12.42 -11.70
N LYS B 93 -2.86 -13.05 -12.36
CA LYS B 93 -2.93 -13.50 -13.74
C LYS B 93 -3.59 -14.86 -13.95
N GLY B 94 -3.85 -15.64 -12.88
CA GLY B 94 -4.49 -16.97 -12.89
C GLY B 94 -3.60 -18.21 -13.11
N TYR B 95 -2.26 -18.08 -12.98
CA TYR B 95 -1.30 -19.16 -13.15
C TYR B 95 -0.86 -19.73 -11.80
N HIS B 96 -0.78 -21.07 -11.71
CA HIS B 96 -0.07 -21.80 -10.65
C HIS B 96 1.39 -21.32 -10.59
N LEU B 97 1.89 -21.06 -9.36
CA LEU B 97 3.24 -20.58 -9.15
C LEU B 97 3.99 -21.53 -8.21
N VAL B 98 5.16 -22.01 -8.66
CA VAL B 98 6.08 -22.78 -7.82
C VAL B 98 7.28 -21.91 -7.51
N ILE B 99 7.53 -21.62 -6.22
CA ILE B 99 8.73 -20.92 -5.78
C ILE B 99 9.68 -21.92 -5.10
N THR B 100 10.93 -21.95 -5.59
CA THR B 100 12.02 -22.70 -4.97
C THR B 100 12.90 -21.70 -4.25
N MET B 101 13.25 -22.05 -3.00
CA MET B 101 14.07 -21.19 -2.16
C MET B 101 14.82 -21.99 -1.10
N PRO B 102 16.02 -21.52 -0.63
CA PRO B 102 16.60 -22.06 0.60
C PRO B 102 15.62 -21.98 1.77
N GLU B 103 15.52 -23.09 2.52
CA GLU B 103 14.88 -23.25 3.82
C GLU B 103 15.29 -22.19 4.86
N THR B 104 16.44 -21.52 4.66
CA THR B 104 17.07 -20.54 5.54
C THR B 104 16.64 -19.11 5.18
N MET B 105 15.98 -18.95 4.02
CA MET B 105 15.68 -17.68 3.37
C MET B 105 14.19 -17.45 3.51
N SER B 106 13.88 -16.32 4.15
CA SER B 106 12.58 -15.67 4.23
C SER B 106 11.59 -16.48 5.10
N VAL B 107 12.00 -16.79 6.36
CA VAL B 107 11.07 -17.21 7.40
C VAL B 107 9.99 -16.11 7.53
N GLU B 108 8.72 -16.52 7.34
CA GLU B 108 7.54 -15.64 7.39
C GLU B 108 7.25 -14.91 6.08
N ARG B 109 8.27 -14.40 5.33
CA ARG B 109 8.10 -13.83 4.00
C ARG B 109 7.57 -14.85 2.97
N ARG B 110 7.84 -16.13 3.22
CA ARG B 110 7.27 -17.29 2.55
C ARG B 110 5.76 -17.48 2.80
N LYS B 111 5.29 -17.15 4.02
CA LYS B 111 3.87 -17.25 4.39
C LYS B 111 3.05 -16.25 3.56
N LEU B 112 3.61 -15.04 3.31
CA LEU B 112 3.17 -14.06 2.31
C LEU B 112 2.98 -14.66 0.90
N MET B 113 4.01 -15.33 0.40
CA MET B 113 3.97 -16.04 -0.89
C MET B 113 2.88 -17.11 -0.91
N GLN B 114 2.72 -17.83 0.21
CA GLN B 114 1.75 -18.90 0.34
C GLN B 114 0.34 -18.37 0.43
N GLY B 115 0.22 -17.19 1.03
CA GLY B 115 -1.01 -16.41 1.09
C GLY B 115 -1.61 -16.10 -0.29
N TYR B 116 -0.75 -15.96 -1.31
CA TYR B 116 -1.12 -15.77 -2.71
C TYR B 116 -1.27 -17.07 -3.49
N GLY B 117 -1.23 -18.21 -2.75
CA GLY B 117 -1.43 -19.55 -3.30
C GLY B 117 -0.22 -20.06 -4.09
N ALA B 118 1.00 -19.52 -3.82
CA ALA B 118 2.22 -20.08 -4.37
C ALA B 118 2.54 -21.41 -3.68
N GLU B 119 3.05 -22.35 -4.47
CA GLU B 119 3.56 -23.62 -3.94
C GLU B 119 5.03 -23.41 -3.65
N LEU B 120 5.43 -23.52 -2.38
CA LEU B 120 6.81 -23.39 -1.93
C LEU B 120 7.48 -24.77 -1.91
N ILE B 121 8.69 -24.80 -2.50
CA ILE B 121 9.63 -25.89 -2.42
C ILE B 121 10.88 -25.35 -1.75
N LEU B 122 11.06 -25.81 -0.51
CA LEU B 122 12.19 -25.51 0.35
C LEU B 122 13.31 -26.45 0.00
N THR B 123 14.38 -25.81 -0.48
CA THR B 123 15.59 -26.51 -0.85
C THR B 123 16.53 -26.47 0.36
N PRO B 124 17.34 -27.57 0.63
CA PRO B 124 18.30 -27.61 1.73
C PRO B 124 19.20 -26.39 1.85
N GLY B 125 19.28 -25.88 3.09
CA GLY B 125 20.20 -24.83 3.53
C GLY B 125 21.63 -24.93 2.98
N ALA B 126 22.17 -26.18 2.97
CA ALA B 126 23.53 -26.54 2.60
C ALA B 126 23.99 -26.02 1.22
N ASP B 127 23.06 -25.84 0.25
CA ASP B 127 23.37 -25.40 -1.12
C ASP B 127 23.21 -23.89 -1.35
N GLY B 128 22.37 -23.23 -0.52
CA GLY B 128 21.88 -21.86 -0.66
C GLY B 128 21.03 -21.70 -1.93
N MET B 129 21.35 -20.61 -2.62
CA MET B 129 20.65 -20.17 -3.83
C MET B 129 20.87 -21.13 -4.99
N LYS B 130 22.09 -21.69 -5.07
CA LYS B 130 22.50 -22.71 -6.02
C LYS B 130 21.54 -23.91 -6.01
N GLY B 131 21.18 -24.42 -4.82
CA GLY B 131 20.19 -25.48 -4.63
C GLY B 131 18.80 -25.12 -5.15
N ALA B 132 18.39 -23.86 -4.88
CA ALA B 132 17.14 -23.29 -5.38
C ALA B 132 17.11 -23.14 -6.90
N ILE B 133 18.20 -22.62 -7.52
CA ILE B 133 18.36 -22.48 -8.97
C ILE B 133 18.23 -23.86 -9.63
N ALA B 134 19.07 -24.81 -9.21
CA ALA B 134 19.10 -26.21 -9.66
C ALA B 134 17.73 -26.89 -9.61
N LYS B 135 16.97 -26.72 -8.50
CA LYS B 135 15.67 -27.37 -8.31
C LYS B 135 14.62 -26.82 -9.29
N ALA B 136 14.62 -25.49 -9.48
CA ALA B 136 13.83 -24.81 -10.49
C ALA B 136 14.15 -25.30 -11.91
N GLU B 137 15.46 -25.41 -12.25
CA GLU B 137 16.04 -25.90 -13.51
C GLU B 137 15.61 -27.35 -13.78
N GLU B 138 15.68 -28.15 -12.70
CA GLU B 138 15.21 -29.53 -12.62
C GLU B 138 13.72 -29.57 -12.90
N LEU B 139 12.94 -28.60 -12.38
CA LEU B 139 11.47 -28.61 -12.53
C LEU B 139 11.05 -28.27 -13.96
N VAL B 140 11.76 -27.31 -14.61
CA VAL B 140 11.69 -27.02 -16.04
C VAL B 140 11.87 -28.34 -16.79
N LYS B 141 13.04 -28.98 -16.60
CA LYS B 141 13.43 -30.22 -17.28
C LYS B 141 12.40 -31.33 -17.01
N GLU B 142 11.94 -31.46 -15.73
CA GLU B 142 11.23 -32.65 -15.28
C GLU B 142 9.71 -32.53 -15.37
N LYS B 143 9.13 -31.32 -15.27
CA LYS B 143 7.68 -31.11 -15.20
C LYS B 143 7.17 -30.19 -16.33
N GLY B 144 8.08 -29.46 -17.01
CA GLY B 144 7.73 -28.63 -18.17
C GLY B 144 7.09 -27.30 -17.78
N TYR B 145 7.40 -26.84 -16.56
CA TYR B 145 7.05 -25.53 -16.02
C TYR B 145 7.85 -24.48 -16.77
N PHE B 146 7.31 -23.26 -16.78
CA PHE B 146 7.91 -22.10 -17.45
C PHE B 146 8.69 -21.33 -16.39
N MET B 147 10.01 -21.16 -16.63
CA MET B 147 10.89 -20.37 -15.78
C MET B 147 11.20 -19.04 -16.45
N PRO B 148 10.77 -17.86 -15.89
CA PRO B 148 11.27 -16.57 -16.37
C PRO B 148 12.81 -16.47 -16.34
N MET B 149 13.40 -16.17 -17.53
CA MET B 149 14.73 -15.57 -17.71
C MET B 149 14.86 -14.37 -16.77
N GLN B 150 15.88 -14.45 -15.89
CA GLN B 150 16.32 -13.40 -14.98
C GLN B 150 16.77 -12.20 -15.82
N PHE B 151 16.40 -11.00 -15.36
CA PHE B 151 16.55 -9.73 -16.08
C PHE B 151 18.03 -9.31 -16.27
N ASP B 152 18.89 -9.69 -15.29
CA ASP B 152 20.31 -9.38 -15.18
C ASP B 152 21.15 -10.02 -16.30
N ASN B 153 20.92 -11.32 -16.63
CA ASN B 153 21.62 -12.14 -17.64
C ASN B 153 21.27 -11.69 -19.07
N PRO B 154 22.23 -11.58 -20.04
CA PRO B 154 21.93 -11.27 -21.45
C PRO B 154 21.11 -12.31 -22.23
N ALA B 155 21.70 -13.51 -22.47
CA ALA B 155 21.10 -14.63 -23.23
C ALA B 155 20.26 -15.54 -22.32
N HIS B 160 11.11 -9.64 -25.57
CA HIS B 160 10.99 -8.36 -26.31
C HIS B 160 11.59 -7.23 -25.47
N GLU B 161 11.92 -6.11 -26.14
CA GLU B 161 12.34 -4.91 -25.44
C GLU B 161 11.20 -3.88 -25.46
N GLU B 162 10.23 -4.08 -26.37
CA GLU B 162 9.30 -3.04 -26.81
C GLU B 162 8.18 -2.87 -25.81
N THR B 163 7.49 -3.99 -25.53
CA THR B 163 6.56 -4.19 -24.44
C THR B 163 7.17 -3.84 -23.07
N THR B 164 8.46 -4.15 -22.83
CA THR B 164 9.18 -3.85 -21.58
C THR B 164 9.16 -2.34 -21.31
N GLY B 165 9.62 -1.56 -22.29
CA GLY B 165 9.69 -0.11 -22.29
C GLY B 165 8.34 0.53 -21.97
N LYS B 166 7.26 0.06 -22.66
CA LYS B 166 5.89 0.52 -22.51
C LYS B 166 5.43 0.31 -21.07
N GLU B 167 5.75 -0.88 -20.51
CA GLU B 167 5.34 -1.28 -19.18
C GLU B 167 6.04 -0.44 -18.13
N ILE B 168 7.31 -0.14 -18.35
CA ILE B 168 8.12 0.71 -17.48
C ILE B 168 7.51 2.12 -17.49
N LEU B 169 7.17 2.63 -18.68
CA LEU B 169 6.53 3.94 -18.90
C LEU B 169 5.19 4.04 -18.19
N GLU B 170 4.44 2.93 -18.14
CA GLU B 170 3.21 2.84 -17.40
C GLU B 170 3.45 3.01 -15.90
N ALA B 171 4.54 2.37 -15.37
CA ALA B 171 4.92 2.43 -13.97
C ALA B 171 5.41 3.84 -13.60
N PHE B 172 5.71 4.66 -14.63
CA PHE B 172 6.15 6.02 -14.40
C PHE B 172 4.94 6.97 -14.57
N GLY B 173 3.77 6.42 -14.93
CA GLY B 173 2.64 7.24 -15.35
C GLY B 173 2.91 8.14 -16.56
N ASP B 174 3.88 7.74 -17.43
CA ASP B 174 4.41 8.48 -18.54
C ASP B 174 5.12 9.76 -18.16
N ASP B 175 5.43 9.95 -16.88
CA ASP B 175 6.28 11.04 -16.45
C ASP B 175 7.75 10.68 -16.75
N ILE B 176 8.38 11.51 -17.61
CA ILE B 176 9.80 11.38 -17.97
C ILE B 176 10.62 12.37 -17.15
N PRO B 177 11.37 11.94 -16.09
CA PRO B 177 12.09 12.89 -15.24
C PRO B 177 13.39 13.38 -15.90
N ASP B 178 14.05 14.36 -15.26
CA ASP B 178 15.40 14.75 -15.62
C ASP B 178 16.40 13.78 -15.03
N ALA B 179 16.03 13.10 -13.93
CA ALA B 179 16.89 12.12 -13.28
C ALA B 179 16.05 11.11 -12.56
N PHE B 180 16.52 9.86 -12.62
CA PHE B 180 16.00 8.79 -11.80
C PHE B 180 17.10 8.22 -10.91
N VAL B 181 16.75 7.98 -9.63
CA VAL B 181 17.65 7.46 -8.60
C VAL B 181 17.01 6.23 -7.94
N ALA B 182 17.74 5.10 -7.89
CA ALA B 182 17.23 3.89 -7.23
C ALA B 182 18.38 3.02 -6.74
N GLY B 183 18.07 2.21 -5.72
CA GLY B 183 18.84 1.05 -5.28
C GLY B 183 18.89 0.02 -6.39
N VAL B 184 19.87 -0.82 -6.23
CA VAL B 184 20.12 -1.97 -7.10
C VAL B 184 20.29 -3.23 -6.25
N GLY B 185 19.82 -4.36 -6.79
CA GLY B 185 20.41 -5.65 -6.48
C GLY B 185 21.67 -5.75 -7.33
N THR B 186 21.49 -6.39 -8.49
CA THR B 186 22.55 -6.56 -9.50
C THR B 186 22.75 -5.24 -10.27
N GLY B 187 21.66 -4.47 -10.43
CA GLY B 187 21.57 -3.28 -11.27
C GLY B 187 20.72 -3.47 -12.53
N GLY B 188 20.11 -4.67 -12.64
CA GLY B 188 19.39 -5.20 -13.78
C GLY B 188 18.17 -4.33 -14.08
N THR B 189 17.27 -4.23 -13.09
CA THR B 189 16.05 -3.39 -13.11
C THR B 189 16.38 -1.93 -13.49
N LEU B 190 17.37 -1.36 -12.79
CA LEU B 190 17.86 -0.03 -13.04
C LEU B 190 18.30 0.16 -14.50
N THR B 191 18.98 -0.83 -15.08
CA THR B 191 19.43 -0.82 -16.48
C THR B 191 18.22 -0.78 -17.43
N GLY B 192 17.22 -1.64 -17.21
CA GLY B 192 15.99 -1.66 -17.97
C GLY B 192 15.27 -0.29 -17.93
N VAL B 193 15.17 0.28 -16.71
CA VAL B 193 14.58 1.58 -16.49
C VAL B 193 15.37 2.65 -17.23
N GLY B 194 16.70 2.65 -17.08
CA GLY B 194 17.62 3.54 -17.77
C GLY B 194 17.40 3.61 -19.29
N HIS B 195 17.30 2.43 -19.91
CA HIS B 195 17.01 2.22 -21.32
C HIS B 195 15.67 2.81 -21.74
N ALA B 196 14.62 2.54 -20.93
CA ALA B 196 13.27 2.97 -21.30
C ALA B 196 13.17 4.49 -21.26
N LEU B 197 13.75 5.09 -20.21
CA LEU B 197 13.70 6.53 -19.94
C LEU B 197 14.48 7.29 -21.01
N LYS B 198 15.69 6.75 -21.39
CA LYS B 198 16.66 7.23 -22.37
C LYS B 198 16.01 7.31 -23.73
N LYS B 199 15.20 6.29 -24.13
CA LYS B 199 14.36 6.32 -25.33
C LYS B 199 13.55 7.61 -25.38
N ALA B 200 12.90 8.00 -24.24
CA ALA B 200 11.99 9.14 -24.19
C ALA B 200 12.76 10.45 -23.99
N ASN B 201 13.82 10.47 -23.16
CA ASN B 201 14.66 11.64 -22.90
C ASN B 201 16.11 11.18 -22.93
N PRO B 202 16.88 11.46 -24.03
CA PRO B 202 18.31 11.11 -24.10
C PRO B 202 19.20 11.71 -23.02
N ASN B 203 18.78 12.85 -22.48
CA ASN B 203 19.49 13.62 -21.47
C ASN B 203 19.19 13.13 -20.06
N VAL B 204 18.23 12.18 -19.83
CA VAL B 204 17.88 11.69 -18.48
C VAL B 204 19.16 11.18 -17.79
N GLN B 205 19.33 11.54 -16.52
CA GLN B 205 20.40 10.98 -15.70
C GLN B 205 19.90 9.86 -14.78
N ILE B 206 20.61 8.73 -14.80
CA ILE B 206 20.30 7.50 -14.10
C ILE B 206 21.38 7.27 -13.04
N TYR B 207 20.96 7.14 -11.74
CA TYR B 207 21.89 6.97 -10.64
C TYR B 207 21.52 5.74 -9.86
N ALA B 208 22.51 4.84 -9.78
CA ALA B 208 22.50 3.75 -8.82
C ALA B 208 22.80 4.28 -7.42
N LEU B 209 22.01 3.81 -6.45
CA LEU B 209 22.25 4.12 -5.06
C LEU B 209 22.72 2.87 -4.34
N GLU B 210 23.78 3.05 -3.52
CA GLU B 210 24.27 1.97 -2.66
C GLU B 210 24.45 2.41 -1.19
N PRO B 211 24.39 1.51 -0.16
CA PRO B 211 24.83 1.86 1.21
C PRO B 211 26.36 1.93 1.37
N ALA B 212 26.84 2.67 2.40
CA ALA B 212 28.13 3.36 2.48
C ALA B 212 29.37 2.46 2.30
N PRO B 236 31.79 -9.33 -3.06
CA PRO B 236 32.68 -8.24 -3.64
C PRO B 236 31.88 -6.95 -3.95
N LYS B 237 31.11 -6.94 -5.07
CA LYS B 237 30.02 -6.00 -5.40
C LYS B 237 30.32 -4.93 -6.49
N VAL B 238 29.99 -5.28 -7.73
CA VAL B 238 30.55 -4.64 -8.92
C VAL B 238 29.41 -4.45 -9.91
N LEU B 239 29.10 -3.18 -10.18
CA LEU B 239 27.95 -2.86 -11.02
C LEU B 239 28.42 -2.68 -12.46
N ASP B 240 27.49 -3.00 -13.38
CA ASP B 240 27.60 -2.61 -14.75
C ASP B 240 27.01 -1.20 -14.93
N THR B 241 27.88 -0.21 -15.18
CA THR B 241 27.49 1.20 -15.22
C THR B 241 27.12 1.69 -16.64
N ASP B 242 26.98 0.79 -17.64
CA ASP B 242 26.84 1.26 -19.04
C ASP B 242 25.75 2.32 -19.22
N VAL B 243 24.58 2.12 -18.55
CA VAL B 243 23.49 3.09 -18.68
C VAL B 243 23.48 4.17 -17.58
N TYR B 244 24.46 4.16 -16.67
CA TYR B 244 24.40 4.99 -15.48
C TYR B 244 25.24 6.21 -15.71
N ASN B 245 24.79 7.31 -15.11
CA ASN B 245 25.54 8.55 -15.01
C ASN B 245 26.38 8.58 -13.73
N GLY B 246 26.06 7.75 -12.73
CA GLY B 246 26.63 7.94 -11.40
C GLY B 246 26.25 6.79 -10.52
N ILE B 247 27.17 6.41 -9.62
CA ILE B 247 26.87 5.58 -8.45
C ILE B 247 26.96 6.48 -7.23
N LEU B 248 25.87 6.56 -6.47
CA LEU B 248 25.82 7.37 -5.27
C LEU B 248 25.81 6.46 -4.05
N GLU B 249 26.63 6.86 -3.08
CA GLU B 249 26.72 6.19 -1.80
C GLU B 249 26.26 7.13 -0.70
N ILE B 250 25.50 6.54 0.21
CA ILE B 250 24.77 7.18 1.29
C ILE B 250 25.10 6.38 2.55
N LYS B 251 25.53 7.09 3.58
CA LYS B 251 25.70 6.57 4.95
C LYS B 251 24.37 6.12 5.55
N SER B 252 24.40 4.98 6.26
CA SER B 252 23.29 4.35 6.98
C SER B 252 22.57 5.34 7.93
N ASP B 253 23.36 6.16 8.66
CA ASP B 253 22.86 7.11 9.63
C ASP B 253 22.10 8.24 8.93
N ASP B 254 22.59 8.63 7.74
CA ASP B 254 21.97 9.59 6.84
C ASP B 254 20.65 9.03 6.29
N ALA B 255 20.64 7.75 5.88
CA ALA B 255 19.46 7.07 5.40
C ALA B 255 18.31 7.11 6.44
N ILE B 256 18.65 6.74 7.72
CA ILE B 256 17.79 6.83 8.89
C ILE B 256 17.31 8.27 9.11
N THR B 257 18.22 9.26 9.03
CA THR B 257 17.86 10.64 9.30
C THR B 257 16.82 11.09 8.27
N MET B 258 17.14 10.87 6.96
CA MET B 258 16.25 11.23 5.85
C MET B 258 14.84 10.60 6.01
N ALA B 259 14.79 9.30 6.40
CA ALA B 259 13.57 8.52 6.60
C ALA B 259 12.69 9.16 7.67
N ARG B 260 13.31 9.63 8.75
CA ARG B 260 12.60 10.19 9.91
C ARG B 260 12.02 11.55 9.54
N GLU B 261 12.82 12.34 8.81
CA GLU B 261 12.43 13.60 8.24
C GLU B 261 11.23 13.45 7.30
N VAL B 262 11.25 12.46 6.41
CA VAL B 262 10.12 12.22 5.54
C VAL B 262 8.87 11.84 6.36
N GLY B 263 9.04 10.95 7.33
CA GLY B 263 7.96 10.60 8.24
C GLY B 263 7.29 11.83 8.90
N HIS B 264 8.13 12.65 9.56
CA HIS B 264 7.72 13.78 10.39
C HIS B 264 7.19 14.92 9.55
N GLN B 265 7.89 15.25 8.45
CA GLN B 265 7.63 16.44 7.64
C GLN B 265 6.67 16.16 6.48
N GLU B 266 6.70 14.94 5.93
CA GLU B 266 5.95 14.72 4.73
C GLU B 266 4.72 13.87 5.00
N GLY B 267 4.71 13.10 6.10
CA GLY B 267 3.65 12.17 6.42
C GLY B 267 3.69 10.90 5.59
N ILE B 268 4.91 10.50 5.20
CA ILE B 268 5.13 9.28 4.43
C ILE B 268 6.17 8.50 5.23
N LEU B 269 5.71 7.37 5.77
CA LEU B 269 6.55 6.59 6.64
C LEU B 269 7.38 5.63 5.79
N VAL B 270 8.52 6.08 5.34
CA VAL B 270 9.42 5.35 4.45
C VAL B 270 10.42 4.57 5.31
N GLY B 271 10.95 3.48 4.75
CA GLY B 271 12.06 2.72 5.30
C GLY B 271 13.43 3.37 5.05
N ILE B 272 14.47 2.63 5.49
CA ILE B 272 15.86 3.05 5.45
C ILE B 272 16.37 3.13 4.01
N SER B 273 16.01 2.15 3.17
CA SER B 273 16.43 2.12 1.78
CA SER B 273 16.39 2.09 1.76
C SER B 273 15.77 3.28 1.02
N ALA B 274 14.47 3.51 1.24
CA ALA B 274 13.77 4.71 0.77
C ALA B 274 14.46 5.98 1.22
N GLY B 275 14.81 6.07 2.51
CA GLY B 275 15.47 7.24 3.09
C GLY B 275 16.81 7.51 2.36
N ALA B 276 17.56 6.41 2.12
CA ALA B 276 18.82 6.45 1.36
C ALA B 276 18.59 7.03 -0.04
N ASN B 277 17.54 6.55 -0.72
CA ASN B 277 17.13 7.03 -2.04
C ASN B 277 16.76 8.50 -2.02
N ILE B 278 15.98 8.92 -1.01
CA ILE B 278 15.49 10.29 -0.89
C ILE B 278 16.67 11.26 -0.75
N LYS B 279 17.61 10.88 0.14
CA LYS B 279 18.87 11.62 0.38
C LYS B 279 19.66 11.78 -0.93
N GLY B 280 19.83 10.67 -1.67
CA GLY B 280 20.47 10.68 -2.98
C GLY B 280 19.77 11.62 -3.97
N ALA B 281 18.43 11.50 -4.01
CA ALA B 281 17.59 12.24 -4.96
C ALA B 281 17.73 13.73 -4.72
N ILE B 282 17.81 14.13 -3.44
CA ILE B 282 17.95 15.52 -3.05
C ILE B 282 19.30 16.10 -3.52
N GLU B 283 20.38 15.31 -3.35
CA GLU B 283 21.73 15.64 -3.80
C GLU B 283 21.70 15.96 -5.29
N VAL B 284 21.08 15.05 -6.07
CA VAL B 284 20.98 15.17 -7.50
C VAL B 284 20.13 16.40 -7.83
N ALA B 285 19.04 16.57 -7.07
CA ALA B 285 18.15 17.73 -7.18
C ALA B 285 18.90 19.07 -7.02
N LYS B 286 19.83 19.16 -6.06
CA LYS B 286 20.60 20.37 -5.77
C LYS B 286 21.51 20.71 -6.96
N LYS B 287 22.02 19.69 -7.68
CA LYS B 287 22.88 19.80 -8.84
C LYS B 287 22.02 20.26 -10.03
N LEU B 288 20.90 19.58 -10.27
CA LEU B 288 20.01 19.89 -11.39
C LEU B 288 19.44 21.31 -11.37
N GLY B 289 19.03 21.76 -10.17
CA GLY B 289 18.41 23.04 -9.83
C GLY B 289 16.94 23.16 -10.25
N LYS B 290 16.34 24.32 -9.88
CA LYS B 290 14.95 24.74 -9.97
C LYS B 290 14.38 24.45 -11.37
N GLY B 291 13.18 23.87 -11.39
CA GLY B 291 12.39 23.62 -12.59
C GLY B 291 12.71 22.30 -13.28
N LYS B 292 13.63 21.48 -12.71
CA LYS B 292 13.89 20.11 -13.14
C LYS B 292 13.11 19.13 -12.25
N GLN B 293 13.06 17.86 -12.67
CA GLN B 293 12.44 16.82 -11.86
C GLN B 293 13.34 15.61 -11.66
N VAL B 294 13.45 15.19 -10.39
CA VAL B 294 14.05 13.93 -9.97
C VAL B 294 12.95 13.01 -9.46
N ILE B 295 12.89 11.76 -9.98
CA ILE B 295 12.07 10.68 -9.47
C ILE B 295 13.00 9.73 -8.74
N THR B 296 12.56 9.35 -7.52
CA THR B 296 13.13 8.19 -6.84
C THR B 296 11.98 7.24 -6.43
N VAL B 297 12.34 6.21 -5.66
CA VAL B 297 11.44 5.13 -5.28
C VAL B 297 11.59 4.91 -3.75
N ALA B 298 10.46 4.58 -3.12
CA ALA B 298 10.48 4.09 -1.76
C ALA B 298 10.18 2.58 -1.81
N PRO B 299 11.21 1.68 -1.84
CA PRO B 299 10.96 0.24 -1.86
C PRO B 299 10.31 -0.28 -0.56
N ASP B 300 10.56 0.40 0.57
CA ASP B 300 10.31 -0.05 1.94
C ASP B 300 9.61 1.06 2.74
N GLY B 301 8.68 0.61 3.61
CA GLY B 301 8.06 1.34 4.70
C GLY B 301 8.84 1.19 6.00
N GLY B 302 8.50 2.10 6.94
CA GLY B 302 9.04 2.24 8.28
C GLY B 302 8.70 1.02 9.17
N ASP B 303 7.50 0.46 8.97
CA ASP B 303 6.95 -0.82 9.49
C ASP B 303 8.03 -1.89 9.69
N ARG B 304 8.85 -2.15 8.65
CA ARG B 304 9.89 -3.17 8.57
C ARG B 304 11.08 -2.94 9.54
N TYR B 305 11.17 -1.78 10.21
CA TYR B 305 12.35 -1.30 10.94
C TYR B 305 12.06 -0.83 12.38
N LEU B 306 10.99 -1.40 12.98
CA LEU B 306 10.48 -1.18 14.34
C LEU B 306 11.54 -1.38 15.43
N SER B 307 12.50 -2.31 15.20
CA SER B 307 13.63 -2.66 16.06
C SER B 307 14.82 -1.68 16.00
N THR B 308 14.92 -0.84 14.95
CA THR B 308 16.10 -0.02 14.60
C THR B 308 16.04 1.37 15.28
N GLU B 309 17.14 2.15 15.17
CA GLU B 309 17.20 3.51 15.72
C GLU B 309 16.37 4.53 14.90
N LEU B 310 15.69 4.11 13.80
CA LEU B 310 14.59 4.80 13.11
C LEU B 310 13.45 5.14 14.10
N PHE B 311 13.03 4.14 14.90
CA PHE B 311 12.11 4.22 16.04
C PHE B 311 12.93 4.23 17.34
N ASN B 312 13.39 5.44 17.69
CA ASN B 312 13.95 5.83 18.98
C ASN B 312 12.76 6.21 19.88
N TYR B 313 12.69 7.50 20.29
CA TYR B 313 11.58 8.20 20.95
C TYR B 313 11.48 7.87 22.47
#